data_4X3P
#
_entry.id   4X3P
#
_cell.length_a   37.606
_cell.length_b   77.700
_cell.length_c   56.473
_cell.angle_alpha   90.00
_cell.angle_beta   97.73
_cell.angle_gamma   90.00
#
_symmetry.space_group_name_H-M   'P 1 21 1'
#
loop_
_entity.id
_entity.type
_entity.pdbx_description
1 polymer 'NAD-dependent protein deacetylase sirtuin-2'
2 polymer 'peptide PRO-LYS-LYS-THR-GLY'
3 non-polymer 'ZINC ION'
4 non-polymer 1,2-ETHANEDIOL
5 non-polymer CARBA-NICOTINAMIDE-ADENINE-DINUCLEOTIDE
6 non-polymer tridecanethial
7 water water
#
loop_
_entity_poly.entity_id
_entity_poly.type
_entity_poly.pdbx_seq_one_letter_code
_entity_poly.pdbx_strand_id
1 'polypeptide(L)'
;GSQKERLLDELTLEGVARYMQSERCRRVICLVGAGISTSAGIPDFRSPSTGLYDNLEKYHLPYPEAIFEISYFKKHPEPF
FALAKELYPGQFKPTICHYFMRLLKDKGLLLRCYTQNIDTLERIAGLEQEDLVEAHGTFYTSHCVSASCRHEYPLSWMKE
KIFSEVTPKCEDCQSLVKPDIVFFGESLPARFFSCMQSDFLKVDLLLVMGTSLQVQPFASLISKAPLSTPRLLINKEKAG
QSDPFLGMIMGLGGGMDFDSKKAYRDVAWLGECDQGCLALAELLGWKKELEDLVRREHASIDAQ
;
A
2 'polypeptide(L)' PKKTG C
#
loop_
_chem_comp.id
_chem_comp.type
_chem_comp.name
_chem_comp.formula
3LX non-polymer tridecanethial 'C13 H26 S'
CNA non-polymer CARBA-NICOTINAMIDE-ADENINE-DINUCLEOTIDE 'C22 H30 N7 O13 P2 1'
EDO non-polymer 1,2-ETHANEDIOL 'C2 H6 O2'
ZN non-polymer 'ZINC ION' 'Zn 2'
#
# COMPACT_ATOMS: atom_id res chain seq x y z
N GLY A 1 -8.05 -24.28 -11.76
CA GLY A 1 -8.97 -23.50 -12.62
C GLY A 1 -9.92 -22.63 -11.82
N SER A 2 -11.17 -22.57 -12.27
CA SER A 2 -12.19 -21.66 -11.70
C SER A 2 -13.22 -22.36 -10.81
N GLN A 3 -12.83 -23.45 -10.14
CA GLN A 3 -13.64 -24.03 -9.07
C GLN A 3 -13.50 -23.25 -7.78
N LYS A 4 -14.59 -23.20 -7.02
CA LYS A 4 -14.62 -22.56 -5.70
C LYS A 4 -14.42 -23.59 -4.58
N GLU A 5 -13.21 -24.15 -4.53
CA GLU A 5 -12.83 -25.10 -3.46
C GLU A 5 -12.59 -24.32 -2.17
N ARG A 6 -12.89 -24.98 -1.05
CA ARG A 6 -12.64 -24.43 0.29
C ARG A 6 -11.36 -25.00 0.88
N LEU A 7 -10.30 -24.17 0.97
CA LEU A 7 -8.99 -24.60 1.51
C LEU A 7 -8.78 -24.28 3.00
N LEU A 8 -9.53 -23.30 3.52
CA LEU A 8 -9.50 -22.98 4.95
C LEU A 8 -10.42 -23.93 5.72
N ASP A 9 -9.95 -24.41 6.87
CA ASP A 9 -10.79 -25.27 7.72
C ASP A 9 -11.87 -24.48 8.47
N GLU A 10 -11.63 -23.19 8.68
CA GLU A 10 -12.66 -22.28 9.14
C GLU A 10 -12.29 -20.87 8.72
N LEU A 11 -13.31 -20.04 8.55
CA LEU A 11 -13.13 -18.67 8.03
C LEU A 11 -12.85 -17.73 9.20
N THR A 12 -11.69 -17.93 9.80
CA THR A 12 -11.22 -17.18 10.96
C THR A 12 -9.69 -16.98 10.83
N LEU A 13 -9.16 -16.06 11.62
CA LEU A 13 -7.72 -15.86 11.69
C LEU A 13 -7.01 -17.17 12.05
N GLU A 14 -7.61 -17.91 12.97
CA GLU A 14 -7.05 -19.20 13.38
C GLU A 14 -6.94 -20.18 12.20
N GLY A 15 -7.98 -20.24 11.35
CA GLY A 15 -7.97 -21.02 10.13
C GLY A 15 -6.89 -20.59 9.15
N VAL A 16 -6.73 -19.29 9.00
CA VAL A 16 -5.68 -18.76 8.13
C VAL A 16 -4.29 -19.13 8.63
N ALA A 17 -4.05 -19.00 9.93
CA ALA A 17 -2.74 -19.36 10.49
C ALA A 17 -2.42 -20.86 10.26
N ARG A 18 -3.41 -21.74 10.50
CA ARG A 18 -3.22 -23.18 10.20
C ARG A 18 -2.90 -23.42 8.73
N TYR A 19 -3.63 -22.72 7.85
CA TYR A 19 -3.37 -22.80 6.41
C TYR A 19 -1.97 -22.36 6.03
N MET A 20 -1.54 -21.23 6.59
CA MET A 20 -0.20 -20.71 6.34
C MET A 20 0.93 -21.65 6.71
N GLN A 21 0.70 -22.49 7.72
CA GLN A 21 1.73 -23.43 8.16
C GLN A 21 1.52 -24.86 7.64
N SER A 22 0.60 -25.01 6.69
CA SER A 22 0.41 -26.24 5.93
C SER A 22 1.33 -26.21 4.71
N GLU A 23 1.60 -27.37 4.12
CA GLU A 23 2.51 -27.45 2.99
C GLU A 23 1.98 -26.71 1.75
N ARG A 24 0.66 -26.59 1.63
CA ARG A 24 -0.01 -25.92 0.51
C ARG A 24 0.26 -24.40 0.42
N CYS A 25 0.52 -23.73 1.54
CA CYS A 25 0.75 -22.27 1.51
C CYS A 25 2.24 -21.92 1.39
N ARG A 26 2.70 -21.69 0.17
CA ARG A 26 4.09 -21.32 -0.10
C ARG A 26 4.31 -19.87 -0.54
N ARG A 27 3.30 -19.26 -1.17
N ARG A 27 3.28 -19.26 -1.14
CA ARG A 27 3.44 -17.97 -1.84
CA ARG A 27 3.43 -17.98 -1.86
C ARG A 27 2.34 -17.02 -1.39
C ARG A 27 2.32 -17.02 -1.41
N VAL A 28 2.72 -15.97 -0.68
CA VAL A 28 1.77 -14.98 -0.13
C VAL A 28 1.94 -13.66 -0.86
N ILE A 29 0.82 -13.06 -1.28
CA ILE A 29 0.82 -11.71 -1.82
C ILE A 29 0.14 -10.78 -0.82
N CYS A 30 0.82 -9.69 -0.46
CA CYS A 30 0.24 -8.65 0.37
C CYS A 30 -0.20 -7.47 -0.54
N LEU A 31 -1.39 -6.94 -0.27
CA LEU A 31 -1.93 -5.77 -0.93
C LEU A 31 -2.19 -4.75 0.17
N VAL A 32 -1.49 -3.61 0.13
CA VAL A 32 -1.56 -2.67 1.25
C VAL A 32 -1.87 -1.23 0.79
N GLY A 33 -2.45 -0.46 1.69
CA GLY A 33 -2.74 0.96 1.43
C GLY A 33 -2.40 1.83 2.61
N ALA A 34 -2.95 3.04 2.60
CA ALA A 34 -2.63 4.08 3.58
C ALA A 34 -2.96 3.73 5.03
N GLY A 35 -3.86 2.77 5.22
CA GLY A 35 -4.20 2.27 6.54
C GLY A 35 -3.05 1.65 7.28
N ILE A 36 -2.06 1.10 6.57
CA ILE A 36 -0.88 0.56 7.27
C ILE A 36 0.12 1.60 7.75
N SER A 37 -0.05 2.87 7.39
CA SER A 37 0.91 3.94 7.74
C SER A 37 0.29 5.02 8.60
N THR A 38 -1.00 4.93 8.92
CA THR A 38 -1.62 5.94 9.80
C THR A 38 -0.98 5.92 11.19
N SER A 39 -0.59 4.74 11.67
N SER A 39 -0.62 4.72 11.66
CA SER A 39 0.05 4.67 13.00
CA SER A 39 0.07 4.55 12.94
C SER A 39 1.52 5.07 12.94
C SER A 39 1.48 5.16 12.93
N ALA A 40 2.05 5.30 11.74
CA ALA A 40 3.36 5.97 11.53
C ALA A 40 3.27 7.51 11.36
N GLY A 41 2.07 8.07 11.52
CA GLY A 41 1.90 9.53 11.57
C GLY A 41 1.50 10.10 10.23
N ILE A 42 1.08 9.27 9.27
CA ILE A 42 0.69 9.80 7.95
C ILE A 42 -0.80 9.51 7.77
N PRO A 43 -1.64 10.55 7.68
CA PRO A 43 -3.06 10.27 7.56
C PRO A 43 -3.40 9.60 6.23
N ASP A 44 -4.55 8.93 6.22
CA ASP A 44 -5.10 8.34 5.00
C ASP A 44 -6.04 9.35 4.33
N PHE A 45 -6.81 8.90 3.35
CA PHE A 45 -7.83 9.77 2.72
C PHE A 45 -9.14 9.76 3.47
N ARG A 46 -9.63 8.55 3.80
CA ARG A 46 -11.04 8.35 4.13
C ARG A 46 -11.40 8.19 5.62
N SER A 47 -10.41 8.16 6.52
CA SER A 47 -10.74 8.09 7.95
C SER A 47 -11.48 9.40 8.31
N PRO A 48 -12.64 9.29 8.95
CA PRO A 48 -13.32 10.54 9.36
C PRO A 48 -12.47 11.38 10.31
N SER A 49 -12.53 12.70 10.17
CA SER A 49 -11.83 13.66 11.05
C SER A 49 -10.32 13.77 10.87
N THR A 50 -9.62 12.63 10.83
CA THR A 50 -8.17 12.62 10.64
C THR A 50 -7.73 12.45 9.18
N GLY A 51 -8.58 11.87 8.34
CA GLY A 51 -8.23 11.64 6.94
C GLY A 51 -8.11 12.92 6.14
N LEU A 52 -7.37 12.87 5.03
CA LEU A 52 -7.08 14.11 4.28
C LEU A 52 -8.31 14.72 3.67
N TYR A 53 -9.29 13.89 3.32
CA TYR A 53 -10.52 14.41 2.73
C TYR A 53 -11.27 15.39 3.68
N ASP A 54 -11.10 15.25 5.00
CA ASP A 54 -11.63 16.18 6.01
C ASP A 54 -10.68 17.31 6.46
N ASN A 55 -9.55 17.49 5.78
CA ASN A 55 -8.52 18.43 6.21
C ASN A 55 -7.90 19.21 5.05
N LEU A 56 -8.67 19.42 4.00
CA LEU A 56 -8.20 20.19 2.84
C LEU A 56 -8.96 21.51 2.66
N GLU A 57 -9.67 21.92 3.72
CA GLU A 57 -10.52 23.15 3.70
C GLU A 57 -9.73 24.36 3.25
N LYS A 58 -8.60 24.61 3.91
CA LYS A 58 -7.79 25.82 3.63
C LYS A 58 -7.12 25.87 2.26
N TYR A 59 -7.07 24.74 1.54
CA TYR A 59 -6.61 24.70 0.14
C TYR A 59 -7.67 25.16 -0.88
N HIS A 60 -8.92 25.32 -0.44
CA HIS A 60 -10.02 25.86 -1.28
C HIS A 60 -10.14 25.14 -2.62
N LEU A 61 -10.16 23.81 -2.56
CA LEU A 61 -10.22 22.99 -3.76
C LEU A 61 -11.67 22.95 -4.26
N PRO A 62 -11.87 22.71 -5.57
CA PRO A 62 -13.25 22.44 -6.05
C PRO A 62 -13.86 21.19 -5.41
N TYR A 63 -12.99 20.23 -5.09
CA TYR A 63 -13.36 19.04 -4.34
C TYR A 63 -12.06 18.46 -3.76
N PRO A 64 -12.15 17.68 -2.66
CA PRO A 64 -10.92 17.26 -1.95
C PRO A 64 -9.90 16.46 -2.78
N GLU A 65 -10.36 15.67 -3.75
CA GLU A 65 -9.45 14.82 -4.54
C GLU A 65 -8.63 15.59 -5.62
N ALA A 66 -8.98 16.84 -5.91
CA ALA A 66 -8.23 17.65 -6.92
C ALA A 66 -6.71 17.82 -6.68
N ILE A 67 -6.30 18.00 -5.43
CA ILE A 67 -4.88 18.17 -5.11
C ILE A 67 -4.03 16.93 -5.45
N PHE A 68 -4.69 15.80 -5.68
CA PHE A 68 -4.04 14.52 -6.05
C PHE A 68 -4.27 14.12 -7.51
N GLU A 69 -4.83 15.04 -8.32
CA GLU A 69 -5.07 14.81 -9.76
C GLU A 69 -4.00 15.51 -10.60
N ILE A 70 -3.57 14.84 -11.68
CA ILE A 70 -2.47 15.32 -12.53
C ILE A 70 -2.83 16.61 -13.30
N SER A 71 -4.09 16.75 -13.69
CA SER A 71 -4.53 17.95 -14.41
C SER A 71 -4.35 19.20 -13.53
N TYR A 72 -4.83 19.10 -12.29
CA TYR A 72 -4.69 20.19 -11.33
C TYR A 72 -3.22 20.49 -10.98
N PHE A 73 -2.44 19.43 -10.76
CA PHE A 73 -0.99 19.57 -10.51
C PHE A 73 -0.24 20.33 -11.60
N LYS A 74 -0.54 19.96 -12.85
N LYS A 74 -0.55 19.99 -12.84
CA LYS A 74 0.07 20.57 -14.04
CA LYS A 74 0.12 20.60 -13.99
C LYS A 74 -0.24 22.06 -14.14
C LYS A 74 -0.25 22.08 -14.18
N LYS A 75 -1.49 22.43 -13.85
CA LYS A 75 -1.91 23.84 -13.82
C LYS A 75 -1.29 24.63 -12.67
N HIS A 76 -1.28 24.04 -11.47
CA HIS A 76 -0.78 24.70 -10.26
C HIS A 76 -0.12 23.70 -9.31
N PRO A 77 1.22 23.57 -9.35
CA PRO A 77 1.87 22.60 -8.47
C PRO A 77 2.00 23.02 -7.00
N GLU A 78 1.77 24.31 -6.70
CA GLU A 78 2.08 24.86 -5.38
C GLU A 78 1.24 24.25 -4.24
N PRO A 79 -0.08 24.03 -4.47
CA PRO A 79 -0.85 23.44 -3.38
C PRO A 79 -0.31 22.07 -2.93
N PHE A 80 -0.02 21.22 -3.91
CA PHE A 80 0.54 19.90 -3.58
C PHE A 80 1.80 19.99 -2.73
N PHE A 81 2.77 20.83 -3.14
CA PHE A 81 4.01 20.97 -2.41
C PHE A 81 3.82 21.59 -1.03
N ALA A 82 2.84 22.48 -0.89
CA ALA A 82 2.45 23.01 0.43
C ALA A 82 1.93 21.89 1.34
N LEU A 83 1.02 21.06 0.82
CA LEU A 83 0.49 19.92 1.59
C LEU A 83 1.59 18.93 1.92
N ALA A 84 2.49 18.69 0.95
CA ALA A 84 3.64 17.82 1.19
C ALA A 84 4.45 18.29 2.40
N LYS A 85 4.67 19.60 2.52
CA LYS A 85 5.41 20.14 3.66
C LYS A 85 4.65 19.90 4.97
N GLU A 86 3.34 20.10 4.97
CA GLU A 86 2.51 19.87 6.15
C GLU A 86 2.56 18.43 6.64
N LEU A 87 2.55 17.49 5.69
CA LEU A 87 2.50 16.04 6.02
C LEU A 87 3.83 15.32 6.19
N TYR A 88 4.91 15.94 5.76
CA TYR A 88 6.21 15.28 5.75
C TYR A 88 6.65 14.91 7.17
N PRO A 89 6.92 13.62 7.43
CA PRO A 89 7.36 13.27 8.79
C PRO A 89 8.82 13.62 9.07
N GLY A 90 9.10 14.09 10.30
CA GLY A 90 10.46 14.28 10.82
C GLY A 90 11.25 12.99 10.97
N GLN A 91 10.54 11.88 11.17
CA GLN A 91 11.14 10.54 11.29
C GLN A 91 10.32 9.50 10.50
N PHE A 92 10.97 8.67 9.69
CA PHE A 92 10.32 7.59 8.94
C PHE A 92 10.46 6.24 9.67
N LYS A 93 9.43 5.87 10.40
CA LYS A 93 9.46 4.69 11.23
C LYS A 93 8.35 3.74 10.77
N PRO A 94 8.72 2.61 10.17
CA PRO A 94 7.68 1.64 9.77
C PRO A 94 6.93 1.03 10.95
N THR A 95 5.74 0.58 10.67
CA THR A 95 4.84 0.06 11.71
C THR A 95 5.06 -1.43 11.93
N ILE A 96 4.40 -1.94 12.97
CA ILE A 96 4.38 -3.37 13.23
C ILE A 96 3.93 -4.14 11.98
N CYS A 97 2.90 -3.63 11.30
CA CYS A 97 2.40 -4.23 10.08
CA CYS A 97 2.43 -4.23 10.04
C CYS A 97 3.50 -4.32 8.97
N HIS A 98 4.26 -3.24 8.78
CA HIS A 98 5.37 -3.27 7.85
C HIS A 98 6.39 -4.36 8.19
N TYR A 99 6.72 -4.49 9.49
CA TYR A 99 7.68 -5.52 9.91
C TYR A 99 7.12 -6.93 9.87
N PHE A 100 5.80 -7.08 9.96
CA PHE A 100 5.19 -8.38 9.72
C PHE A 100 5.44 -8.82 8.28
N MET A 101 5.39 -7.87 7.33
CA MET A 101 5.73 -8.22 5.95
C MET A 101 7.22 -8.54 5.78
N ARG A 102 8.08 -7.89 6.54
CA ARG A 102 9.51 -8.22 6.59
C ARG A 102 9.69 -9.67 7.07
N LEU A 103 8.90 -10.08 8.05
CA LEU A 103 8.95 -11.49 8.51
C LEU A 103 8.52 -12.46 7.43
N LEU A 104 7.43 -12.14 6.70
CA LEU A 104 7.02 -12.98 5.57
C LEU A 104 8.16 -13.12 4.56
N LYS A 105 8.88 -12.04 4.28
CA LYS A 105 10.04 -12.09 3.40
C LYS A 105 11.11 -13.04 3.97
N ASP A 106 11.46 -12.83 5.23
CA ASP A 106 12.52 -13.63 5.90
C ASP A 106 12.16 -15.11 6.10
N LYS A 107 10.86 -15.41 6.19
CA LYS A 107 10.40 -16.79 6.31
C LYS A 107 10.23 -17.47 4.93
N GLY A 108 10.52 -16.75 3.86
CA GLY A 108 10.41 -17.30 2.50
C GLY A 108 9.01 -17.39 1.95
N LEU A 109 8.06 -16.66 2.55
CA LEU A 109 6.64 -16.75 2.19
C LEU A 109 6.18 -15.62 1.26
N LEU A 110 6.89 -14.51 1.23
CA LEU A 110 6.43 -13.34 0.50
C LEU A 110 6.77 -13.45 -1.00
N LEU A 111 5.74 -13.63 -1.82
CA LEU A 111 5.89 -13.59 -3.27
C LEU A 111 5.99 -12.12 -3.70
N ARG A 112 5.09 -11.29 -3.22
CA ARG A 112 5.11 -9.87 -3.54
C ARG A 112 4.31 -9.07 -2.55
N CYS A 113 4.77 -7.87 -2.27
CA CYS A 113 3.94 -6.81 -1.65
C CYS A 113 3.59 -5.78 -2.72
N TYR A 114 2.31 -5.62 -3.04
CA TYR A 114 1.83 -4.52 -3.88
C TYR A 114 1.35 -3.43 -2.93
N THR A 115 1.96 -2.25 -3.01
CA THR A 115 1.57 -1.14 -2.15
C THR A 115 1.00 0.02 -2.96
N GLN A 116 -0.02 0.66 -2.41
CA GLN A 116 -0.51 1.93 -2.94
C GLN A 116 0.21 3.12 -2.30
N ASN A 117 1.04 2.87 -1.30
CA ASN A 117 1.65 3.95 -0.53
C ASN A 117 2.89 4.47 -1.23
N ILE A 118 3.17 5.74 -0.95
CA ILE A 118 4.29 6.48 -1.54
C ILE A 118 5.35 6.88 -0.52
N ASP A 119 5.20 6.40 0.71
CA ASP A 119 5.93 6.93 1.88
C ASP A 119 7.29 6.27 2.13
N THR A 120 7.66 5.24 1.34
CA THR A 120 8.94 4.51 1.41
C THR A 120 9.08 3.55 2.60
N LEU A 121 8.03 3.41 3.42
CA LEU A 121 8.15 2.67 4.65
C LEU A 121 8.38 1.16 4.44
N GLU A 122 7.89 0.61 3.33
CA GLU A 122 8.16 -0.76 2.95
C GLU A 122 9.67 -0.98 2.71
N ARG A 123 10.32 -0.05 2.01
CA ARG A 123 11.74 -0.14 1.78
C ARG A 123 12.53 -0.04 3.11
N ILE A 124 12.13 0.88 3.96
CA ILE A 124 12.78 1.07 5.24
C ILE A 124 12.67 -0.20 6.10
N ALA A 125 11.50 -0.88 6.05
CA ALA A 125 11.31 -2.12 6.80
C ALA A 125 12.11 -3.31 6.22
N GLY A 126 12.63 -3.19 5.00
CA GLY A 126 13.51 -4.21 4.42
C GLY A 126 13.03 -4.96 3.22
N LEU A 127 11.90 -4.54 2.61
CA LEU A 127 11.47 -5.12 1.36
C LEU A 127 12.28 -4.52 0.22
N GLU A 128 12.79 -5.40 -0.64
CA GLU A 128 13.66 -5.04 -1.78
C GLU A 128 12.89 -5.06 -3.11
N GLN A 129 13.61 -4.83 -4.23
CA GLN A 129 13.01 -4.82 -5.58
C GLN A 129 12.42 -6.15 -6.01
N GLU A 130 13.07 -7.26 -5.67
CA GLU A 130 12.51 -8.58 -5.89
C GLU A 130 11.12 -8.76 -5.21
N ASP A 131 10.87 -7.98 -4.15
CA ASP A 131 9.73 -8.16 -3.26
C ASP A 131 8.55 -7.18 -3.43
N LEU A 132 8.80 -6.01 -4.01
CA LEU A 132 7.93 -4.89 -3.83
C LEU A 132 7.45 -4.30 -5.15
N VAL A 133 6.16 -4.03 -5.24
CA VAL A 133 5.61 -3.24 -6.35
C VAL A 133 5.01 -1.96 -5.76
N GLU A 134 5.62 -0.82 -6.07
CA GLU A 134 5.07 0.47 -5.65
C GLU A 134 4.12 0.90 -6.74
N ALA A 135 2.87 0.46 -6.61
CA ALA A 135 1.88 0.66 -7.67
C ALA A 135 1.60 2.09 -8.02
N HIS A 136 1.68 2.99 -7.01
CA HIS A 136 1.47 4.42 -7.23
C HIS A 136 2.75 5.22 -7.10
N GLY A 137 3.89 4.57 -7.31
CA GLY A 137 5.18 5.22 -7.28
C GLY A 137 5.63 5.53 -5.88
N THR A 138 6.44 6.57 -5.75
CA THR A 138 7.15 6.83 -4.53
C THR A 138 7.68 8.24 -4.44
N PHE A 139 7.87 8.71 -3.21
CA PHE A 139 8.60 9.95 -2.93
C PHE A 139 10.13 9.76 -2.92
N TYR A 140 10.62 8.53 -2.97
CA TYR A 140 12.04 8.24 -2.73
C TYR A 140 12.92 8.90 -3.78
N THR A 141 12.41 8.98 -5.00
CA THR A 141 13.11 9.72 -6.08
C THR A 141 12.14 10.65 -6.77
N SER A 142 12.71 11.64 -7.46
CA SER A 142 11.94 12.68 -8.15
C SER A 142 12.61 12.87 -9.52
N HIS A 143 11.86 13.34 -10.50
CA HIS A 143 12.44 13.61 -11.81
C HIS A 143 11.92 14.91 -12.37
N CYS A 144 12.83 15.58 -13.07
CA CYS A 144 12.50 16.69 -13.99
C CYS A 144 11.38 16.25 -14.94
N VAL A 145 10.39 17.12 -15.17
CA VAL A 145 9.25 16.76 -16.01
C VAL A 145 9.49 16.94 -17.52
N SER A 146 10.57 17.61 -17.91
CA SER A 146 10.85 17.83 -19.33
CA SER A 146 10.85 17.84 -19.33
C SER A 146 11.31 16.55 -20.01
N ALA A 147 10.58 16.15 -21.05
CA ALA A 147 10.84 14.88 -21.77
C ALA A 147 12.29 14.74 -22.24
N SER A 148 12.89 15.84 -22.68
CA SER A 148 14.27 15.86 -23.16
C SER A 148 15.35 15.83 -22.06
N CYS A 149 14.97 15.88 -20.79
CA CYS A 149 15.91 15.97 -19.69
C CYS A 149 15.70 14.80 -18.72
N ARG A 150 14.60 14.84 -17.97
CA ARG A 150 14.25 13.78 -17.02
C ARG A 150 15.33 13.45 -15.97
N HIS A 151 16.12 14.41 -15.57
N HIS A 151 16.12 14.45 -15.56
CA HIS A 151 17.17 14.14 -14.61
CA HIS A 151 17.14 14.28 -14.53
C HIS A 151 16.60 13.86 -13.20
C HIS A 151 16.51 13.81 -13.22
N GLU A 152 17.18 12.86 -12.55
CA GLU A 152 16.67 12.31 -11.29
C GLU A 152 17.27 13.02 -10.08
N TYR A 153 16.45 13.20 -9.06
CA TYR A 153 16.82 13.88 -7.81
C TYR A 153 16.45 12.99 -6.62
N PRO A 154 17.34 12.90 -5.62
CA PRO A 154 17.03 12.09 -4.45
C PRO A 154 16.09 12.78 -3.46
N LEU A 155 15.54 11.99 -2.54
CA LEU A 155 14.67 12.53 -1.50
C LEU A 155 15.26 13.64 -0.64
N SER A 156 16.57 13.58 -0.32
CA SER A 156 17.21 14.65 0.46
C SER A 156 17.08 16.02 -0.24
N TRP A 157 17.20 16.00 -1.56
CA TRP A 157 17.07 17.22 -2.39
C TRP A 157 15.65 17.73 -2.40
N MET A 158 14.69 16.83 -2.65
CA MET A 158 13.27 17.18 -2.68
C MET A 158 12.75 17.68 -1.32
N LYS A 159 13.13 16.99 -0.23
CA LYS A 159 12.83 17.46 1.11
C LYS A 159 13.25 18.91 1.35
N GLU A 160 14.47 19.27 0.96
CA GLU A 160 14.97 20.64 1.19
C GLU A 160 14.12 21.67 0.45
N LYS A 161 13.75 21.36 -0.80
CA LYS A 161 12.89 22.25 -1.57
C LYS A 161 11.52 22.39 -0.93
N ILE A 162 10.95 21.28 -0.48
CA ILE A 162 9.62 21.31 0.16
C ILE A 162 9.65 22.15 1.46
N PHE A 163 10.65 21.96 2.30
CA PHE A 163 10.73 22.71 3.56
C PHE A 163 11.09 24.19 3.43
N SER A 164 11.85 24.52 2.38
CA SER A 164 12.16 25.90 2.05
C SER A 164 10.98 26.64 1.40
N GLU A 165 9.93 25.91 1.01
CA GLU A 165 8.79 26.44 0.26
C GLU A 165 9.22 27.07 -1.07
N VAL A 166 10.23 26.46 -1.70
CA VAL A 166 10.67 26.81 -3.04
C VAL A 166 10.15 25.72 -3.97
N THR A 167 9.34 26.09 -4.96
CA THR A 167 8.86 25.13 -5.94
C THR A 167 10.07 24.51 -6.64
N PRO A 168 10.19 23.17 -6.63
CA PRO A 168 11.43 22.55 -7.07
C PRO A 168 11.66 22.61 -8.57
N LYS A 169 12.82 23.15 -8.94
CA LYS A 169 13.20 23.29 -10.35
C LYS A 169 14.50 22.58 -10.63
N CYS A 170 14.57 22.03 -11.83
CA CYS A 170 15.71 21.26 -12.26
C CYS A 170 16.94 22.15 -12.40
N GLU A 171 18.06 21.69 -11.85
CA GLU A 171 19.34 22.44 -11.96
C GLU A 171 19.92 22.44 -13.38
N ASP A 172 19.52 21.50 -14.22
CA ASP A 172 20.03 21.42 -15.58
C ASP A 172 19.21 22.19 -16.60
N CYS A 173 17.89 22.21 -16.46
CA CYS A 173 17.00 22.86 -17.44
C CYS A 173 15.92 23.80 -16.86
N GLN A 174 15.83 23.92 -15.54
CA GLN A 174 14.87 24.80 -14.86
C GLN A 174 13.38 24.45 -15.05
N SER A 175 13.10 23.24 -15.50
CA SER A 175 11.71 22.72 -15.51
C SER A 175 11.31 22.25 -14.10
N LEU A 176 10.01 22.03 -13.91
CA LEU A 176 9.50 21.49 -12.65
C LEU A 176 10.10 20.12 -12.38
N VAL A 177 10.40 19.83 -11.10
CA VAL A 177 10.85 18.50 -10.66
C VAL A 177 9.70 17.94 -9.82
N LYS A 178 9.23 16.76 -10.19
CA LYS A 178 8.04 16.15 -9.63
C LYS A 178 8.46 14.85 -8.89
N PRO A 179 7.99 14.65 -7.64
CA PRO A 179 8.20 13.33 -6.99
C PRO A 179 7.64 12.22 -7.89
N ASP A 180 8.26 11.03 -7.86
CA ASP A 180 7.89 9.89 -8.70
C ASP A 180 6.59 9.20 -8.26
N ILE A 181 5.58 9.99 -7.89
CA ILE A 181 4.26 9.53 -7.53
CA ILE A 181 4.29 9.43 -7.55
C ILE A 181 3.42 9.39 -8.79
N VAL A 182 2.49 8.45 -8.80
CA VAL A 182 1.48 8.34 -9.83
C VAL A 182 0.26 9.11 -9.32
N PHE A 183 0.01 10.30 -9.87
CA PHE A 183 -1.18 11.08 -9.55
C PHE A 183 -2.39 10.42 -10.23
N PHE A 184 -3.59 10.75 -9.76
CA PHE A 184 -4.83 10.32 -10.43
C PHE A 184 -4.73 10.84 -11.87
N GLY A 185 -5.02 9.98 -12.84
CA GLY A 185 -4.93 10.35 -14.27
C GLY A 185 -3.64 9.95 -14.94
N GLU A 186 -2.66 9.47 -14.18
CA GLU A 186 -1.39 9.00 -14.73
C GLU A 186 -1.41 7.47 -14.83
N SER A 187 -0.55 6.96 -15.70
CA SER A 187 -0.41 5.50 -15.88
C SER A 187 0.47 4.88 -14.80
N LEU A 188 0.13 3.64 -14.39
CA LEU A 188 0.94 2.90 -13.44
C LEU A 188 2.21 2.36 -14.10
N PRO A 189 3.26 2.01 -13.31
CA PRO A 189 4.49 1.51 -13.89
C PRO A 189 4.31 0.14 -14.57
N ALA A 190 5.16 -0.12 -15.56
CA ALA A 190 5.14 -1.37 -16.34
C ALA A 190 5.19 -2.61 -15.44
N ARG A 191 6.05 -2.57 -14.43
CA ARG A 191 6.21 -3.73 -13.56
C ARG A 191 4.96 -4.07 -12.75
N PHE A 192 4.05 -3.12 -12.56
CA PHE A 192 2.78 -3.44 -11.91
C PHE A 192 2.05 -4.52 -12.73
N PHE A 193 2.06 -4.34 -14.04
CA PHE A 193 1.32 -5.23 -14.94
C PHE A 193 2.07 -6.53 -15.17
N SER A 194 3.40 -6.47 -15.32
CA SER A 194 4.17 -7.69 -15.50
C SER A 194 4.17 -8.56 -14.25
N CYS A 195 4.30 -7.93 -13.08
CA CYS A 195 4.18 -8.68 -11.84
C CYS A 195 2.78 -9.27 -11.70
N MET A 196 1.75 -8.48 -11.97
CA MET A 196 0.36 -8.95 -11.80
C MET A 196 0.09 -10.21 -12.66
N GLN A 197 0.52 -10.17 -13.91
N GLN A 197 0.49 -10.13 -13.92
CA GLN A 197 0.29 -11.25 -14.85
CA GLN A 197 0.34 -11.24 -14.88
C GLN A 197 1.04 -12.55 -14.50
C GLN A 197 0.98 -12.55 -14.38
N SER A 198 2.16 -12.45 -13.79
CA SER A 198 2.91 -13.61 -13.33
C SER A 198 2.48 -14.09 -11.94
N ASP A 199 2.41 -13.17 -10.98
CA ASP A 199 2.23 -13.53 -9.58
C ASP A 199 0.91 -14.21 -9.28
N PHE A 200 -0.15 -13.74 -9.92
CA PHE A 200 -1.49 -14.23 -9.58
C PHE A 200 -1.85 -15.57 -10.24
N LEU A 201 -0.96 -16.11 -11.05
CA LEU A 201 -1.07 -17.49 -11.53
C LEU A 201 -0.85 -18.50 -10.42
N LYS A 202 -0.02 -18.12 -9.44
CA LYS A 202 0.55 -19.07 -8.48
C LYS A 202 0.53 -18.60 -7.01
N VAL A 203 -0.50 -17.86 -6.62
CA VAL A 203 -0.58 -17.29 -5.26
C VAL A 203 -1.44 -18.21 -4.40
N ASP A 204 -0.97 -18.48 -3.18
CA ASP A 204 -1.64 -19.35 -2.24
C ASP A 204 -2.46 -18.61 -1.18
N LEU A 205 -2.13 -17.35 -0.90
CA LEU A 205 -2.87 -16.53 0.05
C LEU A 205 -2.71 -15.07 -0.33
N LEU A 206 -3.81 -14.33 -0.24
N LEU A 206 -3.82 -14.33 -0.25
CA LEU A 206 -3.84 -12.88 -0.45
CA LEU A 206 -3.83 -12.87 -0.30
C LEU A 206 -4.17 -12.20 0.88
C LEU A 206 -4.00 -12.30 1.10
N LEU A 207 -3.23 -11.38 1.33
N LEU A 207 -3.11 -11.39 1.44
CA LEU A 207 -3.34 -10.63 2.58
CA LEU A 207 -3.28 -10.58 2.63
C LEU A 207 -3.50 -9.13 2.29
C LEU A 207 -3.56 -9.17 2.13
N VAL A 208 -4.70 -8.62 2.54
CA VAL A 208 -5.09 -7.25 2.22
C VAL A 208 -5.17 -6.45 3.52
N MET A 209 -4.41 -5.37 3.61
CA MET A 209 -4.29 -4.61 4.83
C MET A 209 -4.38 -3.11 4.61
N GLY A 210 -5.23 -2.45 5.38
CA GLY A 210 -5.24 -0.99 5.46
C GLY A 210 -5.60 -0.30 4.16
N THR A 211 -6.68 -0.77 3.49
CA THR A 211 -7.11 -0.14 2.27
C THR A 211 -8.65 -0.25 2.15
N SER A 212 -9.23 0.78 1.55
CA SER A 212 -10.66 0.78 1.25
C SER A 212 -11.01 0.14 -0.11
N LEU A 213 -9.98 -0.18 -0.92
CA LEU A 213 -10.14 -0.84 -2.21
C LEU A 213 -11.08 -0.03 -3.11
N GLN A 214 -10.79 1.27 -3.17
N GLN A 214 -10.84 1.26 -3.19
CA GLN A 214 -11.57 2.26 -3.95
CA GLN A 214 -11.62 2.09 -4.09
C GLN A 214 -10.83 2.88 -5.13
C GLN A 214 -10.83 2.58 -5.31
N VAL A 215 -9.51 2.74 -5.17
CA VAL A 215 -8.69 3.22 -6.29
C VAL A 215 -8.40 2.10 -7.29
N GLN A 216 -8.59 2.39 -8.58
CA GLN A 216 -8.36 1.43 -9.66
C GLN A 216 -7.12 1.80 -10.50
N PRO A 217 -6.44 0.84 -11.12
CA PRO A 217 -6.80 -0.59 -11.15
C PRO A 217 -6.30 -1.42 -9.97
N PHE A 218 -5.69 -0.77 -8.98
CA PHE A 218 -5.19 -1.51 -7.82
C PHE A 218 -6.25 -2.40 -7.18
N ALA A 219 -7.46 -1.86 -6.96
CA ALA A 219 -8.48 -2.60 -6.22
C ALA A 219 -8.87 -3.90 -6.92
N SER A 220 -8.75 -3.92 -8.24
CA SER A 220 -9.11 -5.10 -9.07
C SER A 220 -8.16 -6.28 -8.87
N LEU A 221 -6.99 -6.05 -8.25
CA LEU A 221 -6.07 -7.13 -7.92
C LEU A 221 -6.71 -8.27 -7.12
N ILE A 222 -7.69 -7.94 -6.29
CA ILE A 222 -8.32 -9.02 -5.49
C ILE A 222 -8.99 -10.08 -6.37
N SER A 223 -9.47 -9.64 -7.53
N SER A 223 -9.48 -9.65 -7.53
CA SER A 223 -10.18 -10.54 -8.46
CA SER A 223 -10.18 -10.54 -8.46
C SER A 223 -9.25 -11.38 -9.35
C SER A 223 -9.24 -11.39 -9.35
N LYS A 224 -7.95 -11.11 -9.30
CA LYS A 224 -6.94 -11.79 -10.15
C LYS A 224 -6.45 -13.11 -9.60
N ALA A 225 -6.62 -13.35 -8.30
CA ALA A 225 -6.23 -14.61 -7.72
C ALA A 225 -7.12 -15.79 -8.17
N PRO A 226 -6.58 -17.00 -8.18
CA PRO A 226 -7.42 -18.17 -8.43
C PRO A 226 -8.58 -18.21 -7.44
N LEU A 227 -9.72 -18.74 -7.89
CA LEU A 227 -10.91 -18.74 -7.05
C LEU A 227 -10.80 -19.52 -5.73
N SER A 228 -9.83 -20.41 -5.61
N SER A 228 -9.84 -20.43 -5.64
CA SER A 228 -9.61 -21.13 -4.35
CA SER A 228 -9.56 -21.19 -4.41
C SER A 228 -8.59 -20.49 -3.41
C SER A 228 -8.59 -20.50 -3.42
N THR A 229 -7.93 -19.42 -3.85
CA THR A 229 -6.96 -18.73 -2.98
C THR A 229 -7.65 -17.97 -1.84
N PRO A 230 -7.36 -18.37 -0.58
CA PRO A 230 -7.99 -17.64 0.51
C PRO A 230 -7.50 -16.20 0.58
N ARG A 231 -8.38 -15.33 1.06
CA ARG A 231 -8.13 -13.90 1.13
C ARG A 231 -8.46 -13.38 2.52
N LEU A 232 -7.46 -12.83 3.20
CA LEU A 232 -7.60 -12.29 4.55
C LEU A 232 -7.51 -10.78 4.45
N LEU A 233 -8.54 -10.09 4.93
CA LEU A 233 -8.54 -8.64 5.10
C LEU A 233 -8.30 -8.26 6.55
N ILE A 234 -7.25 -7.46 6.81
CA ILE A 234 -7.02 -6.88 8.14
C ILE A 234 -7.21 -5.35 7.97
N ASN A 235 -8.24 -4.81 8.59
CA ASN A 235 -8.66 -3.44 8.30
C ASN A 235 -9.62 -2.98 9.38
N LYS A 236 -9.76 -1.68 9.55
CA LYS A 236 -10.68 -1.13 10.57
C LYS A 236 -12.15 -1.49 10.28
N GLU A 237 -12.50 -1.59 9.00
CA GLU A 237 -13.83 -2.01 8.57
C GLU A 237 -13.75 -2.90 7.34
N LYS A 238 -14.82 -3.63 7.10
CA LYS A 238 -14.91 -4.44 5.88
C LYS A 238 -14.80 -3.57 4.64
N ALA A 239 -14.15 -4.10 3.62
CA ALA A 239 -13.97 -3.45 2.34
C ALA A 239 -13.85 -4.49 1.25
N GLY A 240 -14.13 -4.09 0.00
CA GLY A 240 -13.94 -4.97 -1.14
C GLY A 240 -15.13 -5.80 -1.59
N GLN A 241 -16.24 -5.71 -0.86
N GLN A 241 -16.24 -5.75 -0.86
CA GLN A 241 -17.46 -6.43 -1.23
CA GLN A 241 -17.43 -6.49 -1.25
C GLN A 241 -18.04 -5.82 -2.51
C GLN A 241 -18.08 -5.83 -2.46
N SER A 242 -18.74 -6.64 -3.28
CA SER A 242 -19.45 -6.15 -4.46
C SER A 242 -20.58 -5.24 -4.00
N ASP A 243 -20.75 -4.13 -4.71
CA ASP A 243 -21.83 -3.19 -4.43
C ASP A 243 -23.13 -3.88 -4.83
N PRO A 244 -24.21 -3.70 -4.05
CA PRO A 244 -25.47 -4.38 -4.39
C PRO A 244 -26.09 -3.97 -5.72
N PHE A 245 -25.69 -2.82 -6.28
CA PHE A 245 -26.21 -2.35 -7.57
C PHE A 245 -25.25 -2.57 -8.73
N LEU A 246 -23.96 -2.29 -8.52
CA LEU A 246 -22.95 -2.44 -9.58
C LEU A 246 -22.68 -3.90 -9.92
N GLY A 254 -15.91 -12.13 -8.01
CA GLY A 254 -14.58 -11.55 -7.80
C GLY A 254 -14.40 -10.76 -6.50
N GLY A 255 -15.46 -10.03 -6.10
CA GLY A 255 -15.47 -9.22 -4.85
C GLY A 255 -15.38 -10.05 -3.58
N MET A 256 -15.06 -9.41 -2.46
CA MET A 256 -14.93 -10.13 -1.19
C MET A 256 -16.30 -10.62 -0.73
N ASP A 257 -16.35 -11.85 -0.24
CA ASP A 257 -17.58 -12.38 0.34
C ASP A 257 -17.28 -12.98 1.69
N PHE A 258 -17.47 -12.18 2.74
CA PHE A 258 -17.19 -12.57 4.10
C PHE A 258 -18.37 -13.31 4.72
N ASP A 259 -19.58 -12.88 4.34
CA ASP A 259 -20.75 -13.12 5.17
C ASP A 259 -21.94 -13.80 4.49
N SER A 260 -21.99 -13.85 3.16
CA SER A 260 -23.18 -14.45 2.51
C SER A 260 -23.21 -15.95 2.75
N LYS A 261 -24.32 -16.57 2.38
CA LYS A 261 -24.45 -18.01 2.51
C LYS A 261 -23.37 -18.79 1.72
N LYS A 262 -22.94 -18.21 0.60
CA LYS A 262 -21.90 -18.80 -0.28
C LYS A 262 -20.44 -18.44 0.10
N ALA A 263 -20.23 -17.76 1.23
CA ALA A 263 -18.85 -17.44 1.66
C ALA A 263 -18.07 -18.72 1.87
N TYR A 264 -16.84 -18.76 1.37
CA TYR A 264 -16.00 -19.97 1.44
C TYR A 264 -14.49 -19.75 1.59
N ARG A 265 -13.98 -18.52 1.47
CA ARG A 265 -12.51 -18.30 1.48
C ARG A 265 -12.02 -16.94 1.96
N ASP A 266 -12.94 -16.02 2.23
CA ASP A 266 -12.59 -14.65 2.59
C ASP A 266 -12.86 -14.44 4.06
N VAL A 267 -11.88 -13.84 4.75
CA VAL A 267 -11.93 -13.62 6.18
C VAL A 267 -11.66 -12.15 6.46
N ALA A 268 -12.51 -11.52 7.27
CA ALA A 268 -12.28 -10.14 7.74
C ALA A 268 -11.92 -10.12 9.21
N TRP A 269 -10.72 -9.61 9.51
CA TRP A 269 -10.30 -9.37 10.89
C TRP A 269 -10.34 -7.87 11.07
N LEU A 270 -11.25 -7.38 11.93
CA LEU A 270 -11.52 -5.96 12.06
C LEU A 270 -10.87 -5.30 13.26
N GLY A 271 -10.06 -4.30 12.98
CA GLY A 271 -9.28 -3.60 13.99
C GLY A 271 -8.11 -2.87 13.39
N GLU A 272 -7.18 -2.46 14.23
N GLU A 272 -7.15 -2.53 14.24
CA GLU A 272 -5.95 -1.81 13.76
CA GLU A 272 -5.91 -1.86 13.83
C GLU A 272 -5.03 -2.84 13.12
C GLU A 272 -5.02 -2.87 13.12
N CYS A 273 -4.41 -2.45 12.01
CA CYS A 273 -3.54 -3.36 11.24
C CYS A 273 -2.43 -3.94 12.13
N ASP A 274 -1.87 -3.09 13.00
CA ASP A 274 -0.78 -3.49 13.91
C ASP A 274 -1.24 -4.60 14.87
N GLN A 275 -2.45 -4.44 15.40
CA GLN A 275 -3.07 -5.44 16.27
C GLN A 275 -3.40 -6.75 15.55
N GLY A 276 -3.93 -6.68 14.33
CA GLY A 276 -4.23 -7.88 13.56
C GLY A 276 -2.98 -8.64 13.18
N CYS A 277 -1.93 -7.92 12.76
CA CYS A 277 -0.64 -8.56 12.45
C CYS A 277 0.00 -9.23 13.67
N LEU A 278 -0.09 -8.56 14.80
CA LEU A 278 0.43 -9.13 16.06
C LEU A 278 -0.33 -10.39 16.41
N ALA A 279 -1.65 -10.36 16.26
CA ALA A 279 -2.50 -11.53 16.54
C ALA A 279 -2.16 -12.71 15.65
N LEU A 280 -1.96 -12.44 14.35
CA LEU A 280 -1.61 -13.49 13.42
C LEU A 280 -0.20 -14.04 13.72
N ALA A 281 0.74 -13.13 13.97
CA ALA A 281 2.10 -13.51 14.35
C ALA A 281 2.05 -14.49 15.56
N GLU A 282 1.24 -14.16 16.54
CA GLU A 282 1.15 -14.99 17.76
C GLU A 282 0.68 -16.40 17.40
N LEU A 283 -0.36 -16.51 16.57
CA LEU A 283 -0.83 -17.86 16.14
C LEU A 283 0.27 -18.67 15.41
N LEU A 284 1.13 -17.97 14.66
CA LEU A 284 2.16 -18.58 13.87
C LEU A 284 3.42 -18.96 14.69
N GLY A 285 3.48 -18.54 15.94
CA GLY A 285 4.70 -18.72 16.76
C GLY A 285 5.75 -17.66 16.50
N TRP A 286 5.33 -16.55 15.86
CA TRP A 286 6.25 -15.48 15.48
C TRP A 286 6.21 -14.23 16.37
N LYS A 287 5.45 -14.25 17.44
CA LYS A 287 5.23 -13.03 18.24
C LYS A 287 6.52 -12.47 18.82
N LYS A 288 7.35 -13.33 19.43
CA LYS A 288 8.64 -12.88 19.95
C LYS A 288 9.55 -12.37 18.83
N GLU A 289 9.60 -13.08 17.70
CA GLU A 289 10.41 -12.61 16.56
C GLU A 289 9.97 -11.21 16.11
N LEU A 290 8.66 -11.02 16.03
CA LEU A 290 8.10 -9.72 15.58
C LEU A 290 8.38 -8.62 16.60
N GLU A 291 8.18 -8.92 17.87
CA GLU A 291 8.45 -7.96 18.93
C GLU A 291 9.93 -7.52 18.92
N ASP A 292 10.83 -8.50 18.89
CA ASP A 292 12.28 -8.24 18.87
C ASP A 292 12.72 -7.44 17.65
N LEU A 293 12.16 -7.78 16.48
CA LEU A 293 12.47 -7.09 15.25
C LEU A 293 12.05 -5.63 15.30
N VAL A 294 10.79 -5.40 15.65
CA VAL A 294 10.25 -4.04 15.74
C VAL A 294 11.04 -3.20 16.73
N ARG A 295 11.32 -3.76 17.91
CA ARG A 295 12.04 -3.00 18.94
C ARG A 295 13.46 -2.63 18.51
N ARG A 296 14.14 -3.55 17.85
CA ARG A 296 15.53 -3.31 17.40
C ARG A 296 15.55 -2.30 16.27
N GLU A 297 14.67 -2.48 15.28
CA GLU A 297 14.63 -1.55 14.18
C GLU A 297 14.18 -0.14 14.61
N HIS A 298 13.17 -0.05 15.50
CA HIS A 298 12.74 1.26 16.02
C HIS A 298 13.86 1.95 16.83
N ALA A 299 14.55 1.15 17.62
CA ALA A 299 15.67 1.69 18.41
C ALA A 299 16.76 2.22 17.51
N SER A 300 17.07 1.50 16.44
CA SER A 300 18.07 1.96 15.49
C SER A 300 17.62 3.25 14.76
N ILE A 301 16.36 3.30 14.34
CA ILE A 301 15.80 4.53 13.77
C ILE A 301 15.85 5.70 14.76
N ASP A 302 15.45 5.47 16.01
CA ASP A 302 15.48 6.53 17.04
C ASP A 302 16.90 7.03 17.29
N ALA A 303 17.89 6.16 17.08
CA ALA A 303 19.32 6.54 17.24
C ALA A 303 19.91 7.38 16.08
N GLN A 304 19.22 7.49 14.96
CA GLN A 304 19.70 8.27 13.79
C GLN A 304 19.73 9.77 14.11
N PRO B 1 -3.58 0.66 -17.80
CA PRO B 1 -4.56 1.72 -17.55
C PRO B 1 -4.07 2.83 -16.61
N LYS B 2 -4.92 3.85 -16.44
CA LYS B 2 -4.62 5.02 -15.60
C LYS B 2 -5.17 4.86 -14.19
N LYS B 3 -4.55 5.56 -13.26
CA LYS B 3 -5.03 5.61 -11.88
C LYS B 3 -6.32 6.43 -11.80
N THR B 4 -7.39 5.80 -11.30
CA THR B 4 -8.70 6.41 -11.22
C THR B 4 -9.35 6.18 -9.86
N GLY B 5 -10.18 7.13 -9.46
CA GLY B 5 -10.80 7.13 -8.14
C GLY B 5 -11.92 6.13 -8.00
ZN ZN C . 15.60 19.05 -16.35
C1 EDO D . -12.52 -9.81 14.68
O1 EDO D . -12.90 -9.10 13.50
C2 EDO D . -11.47 -9.01 15.43
O2 EDO D . -12.01 -7.75 15.88
PA CNA E . -8.17 5.16 2.02
O1A CNA E . -9.26 5.23 1.04
O2A CNA E . -8.00 6.28 2.90
O5B CNA E . -8.56 3.95 2.85
C5B CNA E . -7.79 3.66 4.04
C4B CNA E . -8.33 2.41 4.70
O4B CNA E . -7.49 2.03 5.89
C3B CNA E . -9.70 2.70 5.32
O3B CNA E . -10.55 1.51 5.11
C2B CNA E . -9.43 2.97 6.78
O2B CNA E . -10.57 2.69 7.68
C1B CNA E . -8.38 2.00 7.08
N9A CNA E . -7.45 2.32 8.17
C8A CNA E . -6.85 3.48 8.42
N7A CNA E . -5.96 3.34 9.41
C5A CNA E . -6.04 2.05 9.81
C6A CNA E . -5.41 1.33 10.74
N6A CNA E . -4.50 1.86 11.54
N1A CNA E . -5.62 0.02 10.88
C2A CNA E . -6.62 -0.69 10.11
N3A CNA E . -7.22 0.12 9.17
C4A CNA E . -6.94 1.44 9.00
O3 CNA E . -6.83 4.81 1.36
PN CNA E . -6.34 3.52 0.57
O1N CNA E . -7.43 2.69 0.21
O2N CNA E . -5.35 2.98 1.41
O5D CNA E . -5.66 4.06 -0.50
C5D CNA E . -6.21 5.04 -1.39
C4D CNA E . -5.05 6.03 -1.73
C4' CNA E . -4.50 6.74 -0.45
C3D CNA E . -3.77 5.37 -2.28
O3D CNA E . -3.66 5.54 -3.69
C2D CNA E . -2.61 6.02 -1.56
O2D CNA E . -1.50 6.44 -2.44
C1D CNA E . -3.17 7.23 -0.87
N1N CNA E . -2.38 7.69 0.29
C2N CNA E . -1.14 7.18 0.64
C3N CNA E . -0.43 7.62 1.75
C7N CNA E . 0.81 7.05 2.05
O7N CNA E . 1.67 6.77 1.21
N7N CNA E . 1.03 6.77 3.33
C4N CNA E . -1.01 8.60 2.55
C5N CNA E . -2.24 9.15 2.23
C6N CNA E . -2.94 8.72 1.10
C1 3LX F . -2.58 8.54 -5.42
S1 3LX F . -3.97 8.55 -4.60
C2 3LX F . -1.27 9.13 -4.81
C3 3LX F . -1.46 10.64 -4.49
C4 3LX F . -0.33 11.05 -3.54
C5 3LX F . -0.74 10.96 -2.05
C6 3LX F . 0.29 11.71 -1.23
C7 3LX F . 0.17 11.31 0.26
C8 3LX F . 0.63 12.43 1.20
C9 3LX F . 2.14 12.75 1.06
C10 3LX F . 2.88 12.36 2.35
C11 3LX F . 4.42 12.54 2.20
C12 3LX F . 5.14 11.25 2.60
C13 3LX F . 6.64 11.35 2.25
#